data_6V08
#
_entry.id   6V08
#
_cell.length_a   159.327
_cell.length_b   173.248
_cell.length_c   115.171
_cell.angle_alpha   90.000
_cell.angle_beta   90.000
_cell.angle_gamma   90.000
#
_symmetry.space_group_name_H-M   'C 2 2 21'
#
loop_
_entity.id
_entity.type
_entity.pdbx_description
1 polymer 'Beta-2-glycoprotein 1'
2 branched alpha-D-mannopyranose-(1-4)-2-acetamido-2-deoxy-beta-D-glucopyranose-(1-2)-alpha-D-mannopyranose-(1-3)-[2-acetamido-2-deoxy-beta-D-glucopyranose-(1-2)-alpha-D-mannopyranose-(1-6)]beta-D-mannopyranose-(1-4)-2-acetamido-2-deoxy-beta-D-glucopyranose-(1-4)-2-acetamido-2-deoxy-beta-D-glucopyranose
3 branched beta-D-mannopyranose-(1-4)-2-acetamido-2-deoxy-beta-D-glucopyranose-(1-2)-alpha-D-mannopyranose-(1-3)-[2-acetamido-2-deoxy-beta-D-glucopyranose-(1-2)-alpha-D-mannopyranose-(1-6)]beta-D-mannopyranose-(1-4)-2-acetamido-2-deoxy-beta-D-glucopyranose-(1-4)-2-acetamido-2-deoxy-beta-D-glucopyranose
4 branched 2-acetamido-2-deoxy-beta-D-glucopyranose-(1-4)-2-acetamido-2-deoxy-beta-D-glucopyranose
5 branched beta-D-mannopyranose-(1-3)-[alpha-D-mannopyranose-(1-6)]alpha-D-mannopyranose-(1-4)-2-acetamido-2-deoxy-beta-D-glucopyranose-(1-4)-2-acetamido-2-deoxy-beta-D-glucopyranose
6 non-polymer 'SULFATE ION'
7 water water
#
_entity_poly.entity_id   1
_entity_poly.type   'polypeptide(L)'
_entity_poly.pdbx_seq_one_letter_code
;GRTCPKPDDLPFSTVVPLKTFYEPGEEITYSCKPGYVSRGGMRKFICPLTGLWPINTLKCTPRVCPFAGILENGAVRYTT
FEYPNTISFSCNTGFYLNGADSAKCTEEGKWSPELPVCAPIICPPPSIPTFATLRVYKPSAGNNSLYRDTAVFECLPQHA
MFGNDTITCTTHGNWTKLPECREVKCPFPSRPDNGFVNYPAKPTLYYKDKATFGCHDGYSLDGPEEIECTKLGNWSAMPS
CKASCKVPVKKATVVYQGERVKIQEKFKNGMLHGDKVSFFCKNKEKKCSYTEDAQCIDGTIEVPKCFKEHSSLAFWKTDA
SDVKPC
;
_entity_poly.pdbx_strand_id   A
#
# COMPACT_ATOMS: atom_id res chain seq x y z
N GLY A 1 64.85 -50.18 29.40
CA GLY A 1 63.76 -51.03 28.82
C GLY A 1 62.93 -50.25 27.81
N ARG A 2 61.70 -50.67 27.61
CA ARG A 2 60.79 -50.05 26.61
C ARG A 2 60.11 -48.85 27.29
N THR A 3 59.65 -47.91 26.48
CA THR A 3 58.75 -46.82 26.88
C THR A 3 57.52 -46.85 25.98
N CYS A 4 56.40 -46.38 26.48
CA CYS A 4 55.24 -46.08 25.62
C CYS A 4 55.53 -44.75 24.94
N PRO A 5 55.13 -44.62 23.67
CA PRO A 5 55.32 -43.38 22.94
C PRO A 5 54.17 -42.40 23.16
N LYS A 6 54.21 -41.25 22.51
CA LYS A 6 53.11 -40.27 22.55
C LYS A 6 51.80 -40.99 22.24
N PRO A 7 50.79 -40.82 23.12
CA PRO A 7 49.48 -41.45 22.94
C PRO A 7 48.70 -40.79 21.81
N ASP A 8 47.79 -41.55 21.22
CA ASP A 8 46.99 -41.13 20.05
C ASP A 8 46.05 -40.00 20.44
N ASP A 9 45.95 -39.01 19.55
CA ASP A 9 45.00 -37.89 19.69
C ASP A 9 43.63 -38.35 19.19
N LEU A 10 42.68 -38.66 20.09
CA LEU A 10 41.28 -39.04 19.75
C LEU A 10 40.41 -37.80 19.61
N PRO A 11 39.45 -37.83 18.68
CA PRO A 11 38.50 -36.73 18.50
C PRO A 11 37.82 -36.20 19.77
N PHE A 12 37.72 -34.87 19.85
CA PHE A 12 36.98 -34.13 20.90
C PHE A 12 37.42 -34.63 22.28
N SER A 13 38.71 -34.92 22.43
CA SER A 13 39.26 -35.43 23.70
C SER A 13 40.56 -34.71 24.02
N THR A 14 41.01 -34.84 25.26
CA THR A 14 42.33 -34.38 25.74
C THR A 14 42.94 -35.51 26.56
N VAL A 15 44.26 -35.65 26.47
CA VAL A 15 45.01 -36.63 27.30
C VAL A 15 45.78 -35.86 28.36
N VAL A 16 45.79 -36.36 29.58
CA VAL A 16 46.63 -35.77 30.64
C VAL A 16 47.25 -36.89 31.46
N PRO A 17 48.54 -36.81 31.82
CA PRO A 17 49.47 -35.82 31.26
C PRO A 17 50.04 -36.17 29.88
N LEU A 18 50.06 -35.21 28.96
CA LEU A 18 50.54 -35.45 27.57
C LEU A 18 52.04 -35.27 27.51
N LYS A 19 52.73 -36.35 27.22
CA LYS A 19 54.21 -36.40 27.04
C LYS A 19 54.49 -37.14 25.74
N THR A 20 55.73 -37.08 25.25
CA THR A 20 56.16 -37.76 23.99
C THR A 20 56.59 -39.18 24.32
N PHE A 21 56.94 -39.48 25.57
CA PHE A 21 57.17 -40.88 25.97
C PHE A 21 56.92 -41.07 27.47
N TYR A 22 56.62 -42.31 27.86
CA TYR A 22 56.26 -42.69 29.24
C TYR A 22 57.00 -43.96 29.66
N GLU A 23 57.43 -44.00 30.92
CA GLU A 23 58.00 -45.22 31.54
C GLU A 23 56.85 -46.18 31.83
N PRO A 24 57.10 -47.50 31.80
CA PRO A 24 56.10 -48.46 32.25
C PRO A 24 55.66 -48.10 33.67
N GLY A 25 54.35 -48.10 33.90
CA GLY A 25 53.75 -47.89 35.23
C GLY A 25 53.12 -46.51 35.34
N GLU A 26 53.40 -45.62 34.40
CA GLU A 26 52.86 -44.25 34.40
C GLU A 26 51.41 -44.28 33.88
N GLU A 27 50.55 -43.40 34.39
CA GLU A 27 49.11 -43.34 34.02
C GLU A 27 48.81 -42.17 33.09
N ILE A 28 47.95 -42.36 32.11
CA ILE A 28 47.33 -41.24 31.36
C ILE A 28 45.82 -41.35 31.47
N THR A 29 45.13 -40.26 31.23
CA THR A 29 43.67 -40.17 31.30
C THR A 29 43.13 -39.41 30.09
N TYR A 30 42.34 -40.08 29.25
CA TYR A 30 41.54 -39.42 28.20
C TYR A 30 40.25 -38.89 28.83
N SER A 31 39.95 -37.60 28.63
CA SER A 31 38.64 -36.98 28.94
C SER A 31 38.05 -36.44 27.64
N CYS A 32 36.73 -36.49 27.48
CA CYS A 32 36.08 -35.79 26.35
C CYS A 32 36.17 -34.29 26.62
N LYS A 33 36.24 -33.50 25.56
CA LYS A 33 36.25 -32.02 25.63
C LYS A 33 34.91 -31.54 26.18
N PRO A 34 34.87 -30.32 26.75
CA PRO A 34 33.61 -29.81 27.28
C PRO A 34 32.68 -29.61 26.07
N GLY A 35 31.43 -30.05 26.22
CA GLY A 35 30.43 -30.08 25.13
C GLY A 35 30.29 -31.48 24.55
N TYR A 36 31.04 -32.45 25.05
CA TYR A 36 31.08 -33.80 24.46
C TYR A 36 30.92 -34.82 25.57
N VAL A 37 30.48 -36.01 25.18
CA VAL A 37 30.36 -37.18 26.09
C VAL A 37 30.75 -38.41 25.30
N SER A 38 31.09 -39.49 26.02
CA SER A 38 31.43 -40.81 25.46
C SER A 38 30.78 -41.88 26.32
N ARG A 39 30.26 -42.91 25.65
CA ARG A 39 29.99 -44.24 26.24
C ARG A 39 31.27 -44.64 27.00
N GLY A 40 31.22 -44.56 28.33
CA GLY A 40 32.22 -45.09 29.28
C GLY A 40 32.87 -43.97 30.10
N GLY A 41 32.80 -42.73 29.62
CA GLY A 41 33.41 -41.55 30.25
C GLY A 41 34.92 -41.59 30.09
N MET A 42 35.64 -41.03 31.07
CA MET A 42 37.14 -41.06 31.17
C MET A 42 37.66 -42.50 30.93
N ARG A 43 38.68 -42.66 30.08
CA ARG A 43 39.52 -43.88 29.99
C ARG A 43 40.90 -43.57 30.59
N LYS A 44 41.29 -44.29 31.63
CA LYS A 44 42.67 -44.31 32.18
C LYS A 44 43.43 -45.51 31.58
N PHE A 45 44.73 -45.34 31.34
CA PHE A 45 45.64 -46.40 30.86
C PHE A 45 46.99 -46.31 31.56
N ILE A 46 47.60 -47.46 31.82
CA ILE A 46 48.96 -47.52 32.39
C ILE A 46 49.91 -48.08 31.34
N CYS A 47 50.96 -47.33 31.04
CA CYS A 47 52.02 -47.78 30.13
C CYS A 47 52.50 -49.16 30.57
N PRO A 48 52.29 -50.24 29.79
CA PRO A 48 52.76 -51.57 30.16
C PRO A 48 54.24 -51.76 29.82
N LEU A 49 54.81 -52.83 30.34
CA LEU A 49 56.23 -53.22 30.17
C LEU A 49 56.59 -53.36 28.69
N THR A 50 55.61 -53.66 27.86
CA THR A 50 55.79 -53.84 26.41
C THR A 50 55.96 -52.50 25.69
N GLY A 51 55.54 -51.39 26.26
CA GLY A 51 55.62 -50.08 25.56
C GLY A 51 54.53 -49.90 24.53
N LEU A 52 53.44 -50.67 24.61
CA LEU A 52 52.27 -50.54 23.70
C LEU A 52 51.06 -50.10 24.49
N TRP A 53 50.59 -48.89 24.21
CA TRP A 53 49.26 -48.45 24.70
C TRP A 53 48.27 -49.49 24.21
N PRO A 54 47.37 -50.00 25.08
CA PRO A 54 46.32 -50.92 24.66
C PRO A 54 45.34 -50.18 23.74
N ILE A 55 44.19 -50.79 23.52
CA ILE A 55 43.21 -50.29 22.52
C ILE A 55 42.17 -49.41 23.23
N ASN A 56 41.83 -48.29 22.59
CA ASN A 56 41.06 -47.19 23.19
C ASN A 56 39.69 -47.14 22.53
N THR A 57 38.66 -47.38 23.34
CA THR A 57 37.27 -47.54 22.92
C THR A 57 36.57 -46.17 22.94
N LEU A 58 37.18 -45.18 23.58
CA LEU A 58 36.56 -43.84 23.79
C LEU A 58 36.10 -43.23 22.46
N LYS A 59 34.82 -42.90 22.35
CA LYS A 59 34.19 -42.19 21.22
C LYS A 59 33.47 -40.99 21.85
N CYS A 60 33.92 -39.77 21.56
CA CYS A 60 33.34 -38.53 22.12
C CYS A 60 32.37 -37.93 21.09
N THR A 61 31.14 -37.70 21.53
CA THR A 61 30.08 -37.09 20.70
C THR A 61 29.50 -35.89 21.41
N PRO A 62 28.99 -34.93 20.61
CA PRO A 62 28.31 -33.74 21.11
C PRO A 62 27.13 -34.08 22.02
N ARG A 63 27.07 -33.41 23.15
CA ARG A 63 25.83 -33.27 23.94
C ARG A 63 24.76 -32.76 22.99
N VAL A 64 23.57 -33.34 23.14
CA VAL A 64 22.36 -32.99 22.36
C VAL A 64 21.41 -32.24 23.29
N CYS A 65 21.13 -30.99 22.96
CA CYS A 65 20.09 -30.19 23.65
C CYS A 65 18.71 -30.79 23.35
N PRO A 66 17.70 -30.49 24.21
CA PRO A 66 16.37 -31.04 24.00
C PRO A 66 15.83 -30.48 22.68
N PHE A 67 14.95 -31.27 22.05
CA PHE A 67 14.38 -31.04 20.69
C PHE A 67 13.69 -29.68 20.64
N ALA A 68 13.96 -28.83 19.65
CA ALA A 68 13.39 -27.47 19.65
C ALA A 68 12.88 -27.04 18.27
N GLY A 69 12.36 -27.98 17.47
CA GLY A 69 12.03 -27.76 16.05
C GLY A 69 10.64 -27.20 15.82
N ILE A 70 9.85 -27.05 16.88
CA ILE A 70 8.45 -26.58 16.85
C ILE A 70 8.31 -25.35 17.73
N LEU A 71 7.99 -24.22 17.09
CA LEU A 71 7.60 -22.92 17.68
C LEU A 71 6.13 -22.70 17.33
N GLU A 72 5.23 -22.85 18.30
CA GLU A 72 3.78 -22.59 18.08
C GLU A 72 3.61 -21.19 17.47
N ASN A 73 2.96 -21.13 16.29
CA ASN A 73 2.67 -19.91 15.51
C ASN A 73 3.96 -19.31 14.97
N GLY A 74 4.97 -20.14 14.69
CA GLY A 74 6.21 -19.63 14.07
C GLY A 74 7.09 -20.73 13.51
N ALA A 75 8.32 -20.37 13.18
CA ALA A 75 9.30 -21.23 12.49
C ALA A 75 10.60 -21.25 13.27
N VAL A 76 11.26 -22.40 13.30
CA VAL A 76 12.64 -22.56 13.81
C VAL A 76 13.55 -22.88 12.64
N ARG A 77 14.68 -22.19 12.52
CA ARG A 77 15.80 -22.53 11.60
C ARG A 77 16.80 -23.33 12.42
N TYR A 78 17.08 -24.57 12.00
CA TYR A 78 18.10 -25.43 12.63
C TYR A 78 18.70 -26.42 11.62
N THR A 79 19.89 -26.90 11.94
CA THR A 79 20.49 -28.13 11.38
C THR A 79 20.28 -29.26 12.39
N THR A 80 21.03 -29.24 13.50
CA THR A 80 20.95 -30.26 14.56
C THR A 80 20.87 -29.58 15.90
N PHE A 81 20.31 -30.27 16.88
CA PHE A 81 20.11 -29.76 18.25
C PHE A 81 21.28 -30.19 19.13
N GLU A 82 22.51 -30.07 18.64
CA GLU A 82 23.68 -30.61 19.39
C GLU A 82 24.68 -29.48 19.62
N TYR A 83 25.47 -29.58 20.67
CA TYR A 83 26.55 -28.67 21.01
C TYR A 83 27.50 -28.54 19.84
N PRO A 84 27.93 -27.32 19.51
CA PRO A 84 27.65 -25.99 20.01
C PRO A 84 26.74 -25.20 19.06
N ASN A 85 25.72 -25.84 18.48
CA ASN A 85 24.97 -25.22 17.40
C ASN A 85 23.98 -24.18 17.87
N THR A 86 23.58 -23.31 17.01
CA THR A 86 22.61 -22.20 17.17
C THR A 86 21.34 -22.52 16.39
N ILE A 87 20.19 -22.19 16.96
CA ILE A 87 18.89 -22.20 16.24
C ILE A 87 18.27 -20.79 16.29
N SER A 88 17.65 -20.34 15.19
CA SER A 88 16.91 -19.05 15.08
C SER A 88 15.40 -19.26 15.19
N PHE A 89 14.67 -18.22 15.58
CA PHE A 89 13.20 -18.22 15.69
C PHE A 89 12.65 -17.01 14.95
N SER A 90 11.46 -17.15 14.37
CA SER A 90 10.60 -16.02 13.89
C SER A 90 9.13 -16.41 14.05
N CYS A 91 8.23 -15.44 14.01
CA CYS A 91 6.80 -15.74 14.22
C CYS A 91 6.00 -15.56 12.92
N ASN A 92 4.93 -16.33 12.82
CA ASN A 92 3.91 -16.15 11.76
C ASN A 92 3.32 -14.73 11.86
N THR A 93 2.73 -14.26 10.76
CA THR A 93 2.09 -12.93 10.65
C THR A 93 1.09 -12.79 11.80
N GLY A 94 1.14 -11.64 12.50
CA GLY A 94 0.17 -11.27 13.56
C GLY A 94 0.68 -11.64 14.95
N PHE A 95 1.80 -12.37 15.00
CA PHE A 95 2.47 -12.71 16.26
C PHE A 95 3.81 -11.99 16.33
N TYR A 96 4.24 -11.70 17.57
CA TYR A 96 5.60 -11.19 17.90
C TYR A 96 6.34 -12.25 18.71
N LEU A 97 7.67 -12.22 18.58
CA LEU A 97 8.55 -13.14 19.34
C LEU A 97 8.71 -12.62 20.76
N ASN A 98 8.28 -13.41 21.73
CA ASN A 98 8.37 -13.02 23.15
C ASN A 98 9.58 -13.74 23.75
N GLY A 99 10.75 -13.14 23.61
CA GLY A 99 12.04 -13.78 23.94
C GLY A 99 13.06 -13.53 22.85
N ALA A 100 14.23 -14.14 22.99
CA ALA A 100 15.38 -13.96 22.07
C ALA A 100 15.11 -14.68 20.76
N ASP A 101 15.69 -14.16 19.69
CA ASP A 101 15.47 -14.67 18.31
C ASP A 101 16.51 -15.72 17.98
N SER A 102 17.34 -16.15 18.93
CA SER A 102 18.30 -17.25 18.70
C SER A 102 18.72 -17.85 20.05
N ALA A 103 19.24 -19.06 20.03
CA ALA A 103 19.65 -19.81 21.23
C ALA A 103 20.72 -20.81 20.81
N LYS A 104 21.64 -21.07 21.74
CA LYS A 104 22.85 -21.90 21.56
C LYS A 104 22.69 -23.11 22.46
N CYS A 105 23.16 -24.25 21.99
CA CYS A 105 23.33 -25.49 22.79
C CYS A 105 24.66 -25.34 23.55
N THR A 106 24.58 -25.20 24.87
CA THR A 106 25.77 -24.93 25.73
C THR A 106 26.54 -26.23 25.94
N GLU A 107 27.81 -26.11 26.34
CA GLU A 107 28.65 -27.26 26.75
C GLU A 107 27.94 -28.08 27.85
N GLU A 108 26.90 -27.56 28.50
CA GLU A 108 26.13 -28.33 29.51
C GLU A 108 24.90 -28.98 28.86
N GLY A 109 24.66 -28.71 27.59
CA GLY A 109 23.58 -29.34 26.80
C GLY A 109 22.20 -28.80 27.14
N LYS A 110 22.09 -27.50 27.40
CA LYS A 110 20.80 -26.79 27.57
C LYS A 110 20.83 -25.57 26.66
N TRP A 111 19.68 -24.98 26.39
CA TRP A 111 19.54 -23.79 25.50
C TRP A 111 19.85 -22.50 26.26
N SER A 112 20.58 -21.57 25.65
CA SER A 112 20.87 -20.22 26.20
C SER A 112 20.76 -19.22 25.05
N PRO A 113 19.92 -18.15 25.15
CA PRO A 113 18.95 -17.97 26.23
C PRO A 113 17.93 -19.11 26.29
N GLU A 114 16.94 -19.05 27.18
CA GLU A 114 15.81 -20.00 27.17
C GLU A 114 15.04 -19.81 25.85
N LEU A 115 14.35 -20.85 25.42
CA LEU A 115 13.59 -20.82 24.14
C LEU A 115 12.44 -19.83 24.27
N PRO A 116 12.19 -19.04 23.21
CA PRO A 116 11.09 -18.08 23.24
C PRO A 116 9.73 -18.67 22.88
N VAL A 117 8.78 -17.77 22.80
CA VAL A 117 7.37 -18.10 22.50
C VAL A 117 6.82 -17.02 21.57
N CYS A 118 5.89 -17.38 20.68
CA CYS A 118 5.16 -16.39 19.85
C CYS A 118 3.87 -15.99 20.56
N ALA A 119 3.53 -14.71 20.53
CA ALA A 119 2.31 -14.15 21.15
C ALA A 119 1.59 -13.26 20.14
N PRO A 120 0.26 -13.07 20.30
CA PRO A 120 -0.52 -12.26 19.37
C PRO A 120 -0.21 -10.77 19.56
N ILE A 121 0.07 -10.08 18.45
CA ILE A 121 0.22 -8.60 18.40
C ILE A 121 -1.15 -8.01 18.73
N ILE A 122 -1.25 -7.11 19.70
CA ILE A 122 -2.55 -6.47 20.00
C ILE A 122 -2.37 -4.96 20.26
N CYS A 123 -3.42 -4.20 19.91
CA CYS A 123 -3.57 -2.76 20.19
C CYS A 123 -4.74 -2.59 21.16
N PRO A 124 -4.71 -1.55 22.00
CA PRO A 124 -5.85 -1.23 22.85
C PRO A 124 -6.89 -0.50 22.00
N PRO A 125 -8.11 -0.27 22.51
CA PRO A 125 -9.13 0.43 21.74
C PRO A 125 -8.58 1.80 21.41
N PRO A 126 -8.88 2.37 20.22
CA PRO A 126 -8.24 3.60 19.76
C PRO A 126 -9.01 4.80 20.31
N SER A 127 -8.39 5.97 20.27
CA SER A 127 -9.04 7.25 20.68
C SER A 127 -9.80 7.84 19.49
N ILE A 128 -10.99 8.36 19.77
CA ILE A 128 -11.83 9.23 18.89
C ILE A 128 -11.13 10.59 18.76
N PRO A 129 -10.96 11.16 17.55
CA PRO A 129 -10.55 12.57 17.46
C PRO A 129 -11.74 13.50 17.78
N THR A 130 -11.51 14.80 17.97
CA THR A 130 -12.60 15.75 18.34
C THR A 130 -13.41 16.09 17.09
N PHE A 131 -14.74 16.17 17.27
CA PHE A 131 -15.76 16.36 16.20
C PHE A 131 -15.66 15.17 15.25
N ALA A 132 -15.67 13.96 15.81
CA ALA A 132 -15.66 12.70 15.04
C ALA A 132 -16.45 11.67 15.83
N THR A 133 -17.12 10.75 15.13
CA THR A 133 -17.72 9.54 15.74
C THR A 133 -16.94 8.34 15.20
N LEU A 134 -17.16 7.17 15.81
CA LEU A 134 -16.49 5.92 15.41
C LEU A 134 -17.52 5.08 14.67
N ARG A 135 -17.48 5.07 13.33
CA ARG A 135 -18.44 4.25 12.54
C ARG A 135 -18.10 2.77 12.75
N VAL A 136 -17.00 2.28 12.16
CA VAL A 136 -16.61 0.83 12.15
C VAL A 136 -15.55 0.60 13.25
N TYR A 137 -15.90 -0.13 14.32
CA TYR A 137 -14.96 -0.70 15.32
C TYR A 137 -15.68 -1.74 16.19
N LYS A 138 -15.20 -2.99 16.17
CA LYS A 138 -15.53 -3.99 17.20
C LYS A 138 -14.27 -4.76 17.60
N PRO A 139 -13.98 -4.88 18.91
CA PRO A 139 -12.79 -5.55 19.40
C PRO A 139 -12.77 -7.00 18.89
N SER A 140 -11.61 -7.50 18.51
CA SER A 140 -11.50 -8.88 17.99
C SER A 140 -10.79 -9.77 19.00
N ALA A 141 -10.25 -9.19 20.08
CA ALA A 141 -9.57 -9.96 21.14
C ALA A 141 -9.83 -9.29 22.49
N GLY A 142 -10.70 -9.86 23.31
CA GLY A 142 -11.04 -9.18 24.57
C GLY A 142 -11.61 -7.83 24.22
N ASN A 143 -11.13 -6.75 24.82
CA ASN A 143 -11.63 -5.45 24.28
C ASN A 143 -10.48 -4.81 23.52
N ASN A 144 -9.56 -5.63 23.03
CA ASN A 144 -8.41 -5.08 22.26
C ASN A 144 -8.54 -5.49 20.80
N SER A 145 -7.68 -4.94 19.96
CA SER A 145 -7.77 -5.28 18.52
C SER A 145 -6.50 -6.02 18.12
N LEU A 146 -6.62 -6.90 17.14
CA LEU A 146 -5.45 -7.66 16.62
C LEU A 146 -4.82 -6.88 15.50
N TYR A 147 -3.58 -7.23 15.20
CA TYR A 147 -2.76 -6.65 14.12
C TYR A 147 -3.60 -6.58 12.87
N ARG A 148 -3.56 -5.44 12.18
CA ARG A 148 -4.20 -5.19 10.86
C ARG A 148 -5.74 -5.15 10.96
N ASP A 149 -6.34 -5.26 12.15
CA ASP A 149 -7.69 -4.70 12.38
C ASP A 149 -7.68 -3.22 11.99
N THR A 150 -8.87 -2.66 11.79
CA THR A 150 -9.08 -1.27 11.33
C THR A 150 -10.20 -0.65 12.16
N ALA A 151 -10.18 0.67 12.24
CA ALA A 151 -11.33 1.48 12.70
C ALA A 151 -11.53 2.63 11.72
N VAL A 152 -12.78 3.09 11.62
CA VAL A 152 -13.16 4.16 10.67
C VAL A 152 -13.97 5.23 11.39
N PHE A 153 -13.51 6.46 11.25
CA PHE A 153 -14.21 7.67 11.74
C PHE A 153 -14.97 8.33 10.58
N GLU A 154 -16.13 8.90 10.89
CA GLU A 154 -16.75 10.01 10.12
C GLU A 154 -16.74 11.24 11.02
N CYS A 155 -16.50 12.45 10.35
CA CYS A 155 -16.70 13.71 11.05
C CYS A 155 -18.16 14.01 11.42
N LEU A 156 -18.32 14.96 12.32
CA LEU A 156 -19.64 15.54 12.62
C LEU A 156 -20.10 16.39 11.43
N PRO A 157 -21.44 16.46 11.23
CA PRO A 157 -22.03 17.38 10.26
C PRO A 157 -21.41 18.76 10.34
N GLN A 158 -21.06 19.30 9.16
CA GLN A 158 -20.46 20.63 9.00
C GLN A 158 -18.96 20.66 9.18
N HIS A 159 -18.47 19.44 9.34
CA HIS A 159 -17.01 19.20 9.56
C HIS A 159 -16.41 18.37 8.42
N ALA A 160 -15.28 18.84 7.91
CA ALA A 160 -14.47 18.15 6.89
C ALA A 160 -13.30 17.43 7.56
N MET A 161 -13.10 16.14 7.23
CA MET A 161 -12.02 15.34 7.82
C MET A 161 -10.72 15.66 7.10
N PHE A 162 -9.68 16.01 7.85
CA PHE A 162 -8.37 16.26 7.22
C PHE A 162 -7.46 15.12 7.64
N GLY A 163 -7.05 14.33 6.67
CA GLY A 163 -6.23 13.17 6.98
C GLY A 163 -6.82 11.96 6.32
N ASN A 164 -7.45 11.09 7.09
CA ASN A 164 -7.98 9.83 6.53
C ASN A 164 -8.86 9.16 7.58
N ASP A 165 -9.97 8.57 7.16
CA ASP A 165 -10.98 8.00 8.09
C ASP A 165 -10.58 6.62 8.60
N THR A 166 -9.53 6.03 8.08
CA THR A 166 -9.25 4.63 8.50
C THR A 166 -7.88 4.47 9.15
N ILE A 167 -7.89 3.99 10.41
CA ILE A 167 -6.67 3.62 11.20
C ILE A 167 -6.57 2.09 11.32
N THR A 168 -5.32 1.63 11.41
CA THR A 168 -4.95 0.20 11.49
C THR A 168 -4.04 -0.04 12.70
N CYS A 169 -4.27 -1.17 13.37
CA CYS A 169 -3.49 -1.69 14.51
C CYS A 169 -2.13 -2.19 14.02
N THR A 170 -1.05 -1.55 14.45
CA THR A 170 0.31 -1.79 13.93
C THR A 170 1.03 -2.87 14.77
N THR A 171 2.14 -3.33 14.22
CA THR A 171 3.11 -4.25 14.85
C THR A 171 3.49 -3.73 16.24
N HIS A 172 3.45 -2.43 16.45
CA HIS A 172 3.93 -1.79 17.70
C HIS A 172 2.82 -1.66 18.71
N GLY A 173 1.67 -2.29 18.47
CA GLY A 173 0.53 -2.25 19.41
C GLY A 173 -0.03 -0.85 19.59
N ASN A 174 0.21 0.03 18.75
CA ASN A 174 -0.37 1.40 18.57
C ASN A 174 -0.99 1.46 17.17
N TRP A 175 -1.92 2.36 16.96
CA TRP A 175 -2.63 2.61 15.68
C TRP A 175 -1.91 3.64 14.83
N THR A 176 -2.23 3.68 13.53
CA THR A 176 -1.72 4.69 12.55
C THR A 176 -2.33 6.05 12.88
N LYS A 177 -1.83 7.13 12.25
CA LYS A 177 -2.22 8.54 12.56
C LYS A 177 -3.75 8.65 12.56
N LEU A 178 -4.31 9.30 13.57
CA LEU A 178 -5.73 9.70 13.58
C LEU A 178 -5.92 10.85 12.61
N PRO A 179 -7.12 10.98 12.00
CA PRO A 179 -7.44 12.16 11.20
C PRO A 179 -8.02 13.26 12.10
N GLU A 180 -7.99 14.52 11.64
CA GLU A 180 -8.67 15.69 12.30
C GLU A 180 -10.02 15.97 11.65
N CYS A 181 -10.97 16.49 12.42
CA CYS A 181 -12.28 17.00 11.94
C CYS A 181 -12.46 18.45 12.38
N ARG A 182 -12.63 19.37 11.41
CA ARG A 182 -12.86 20.83 11.64
C ARG A 182 -14.18 21.25 10.97
N GLU A 183 -14.90 22.19 11.59
CA GLU A 183 -16.03 22.92 10.95
C GLU A 183 -15.47 23.78 9.82
N VAL A 184 -16.01 23.65 8.60
CA VAL A 184 -15.64 24.52 7.44
C VAL A 184 -16.92 25.18 6.89
N LYS A 185 -16.79 26.45 6.50
CA LYS A 185 -17.86 27.35 5.99
C LYS A 185 -17.50 27.85 4.59
N CYS A 186 -18.50 28.02 3.71
CA CYS A 186 -18.30 28.71 2.41
C CYS A 186 -19.13 30.01 2.37
N PRO A 187 -18.64 31.02 1.60
CA PRO A 187 -19.44 32.20 1.24
C PRO A 187 -20.78 31.80 0.61
N PHE A 188 -21.71 32.75 0.49
CA PHE A 188 -22.89 32.61 -0.40
C PHE A 188 -22.36 32.70 -1.83
N PRO A 189 -22.92 31.91 -2.78
CA PRO A 189 -22.53 32.03 -4.18
C PRO A 189 -23.32 33.14 -4.89
N SER A 190 -22.70 33.74 -5.90
CA SER A 190 -23.22 34.89 -6.69
C SER A 190 -24.21 34.41 -7.76
N ARG A 191 -25.43 34.98 -7.79
CA ARG A 191 -26.40 34.90 -8.94
C ARG A 191 -25.63 35.30 -10.20
N PRO A 192 -25.71 34.55 -11.32
CA PRO A 192 -25.03 34.96 -12.56
C PRO A 192 -25.92 35.89 -13.39
N ASP A 193 -25.32 36.79 -14.15
CA ASP A 193 -26.11 37.61 -15.12
C ASP A 193 -26.90 36.65 -16.01
N ASN A 194 -28.15 37.00 -16.32
CA ASN A 194 -29.00 36.29 -17.30
C ASN A 194 -29.40 34.92 -16.71
N GLY A 195 -29.14 34.68 -15.43
CA GLY A 195 -29.46 33.38 -14.79
C GLY A 195 -30.03 33.55 -13.40
N PHE A 196 -29.95 32.50 -12.59
CA PHE A 196 -30.37 32.53 -11.17
C PHE A 196 -29.60 31.46 -10.41
N VAL A 197 -29.65 31.53 -9.08
CA VAL A 197 -28.97 30.55 -8.20
C VAL A 197 -29.88 30.27 -7.02
N ASN A 198 -30.00 28.98 -6.69
CA ASN A 198 -30.74 28.44 -5.52
C ASN A 198 -29.73 27.78 -4.58
N TYR A 199 -29.79 28.13 -3.30
CA TYR A 199 -29.07 27.47 -2.20
C TYR A 199 -29.93 27.57 -0.95
N PRO A 200 -29.70 26.74 0.08
CA PRO A 200 -30.69 26.62 1.16
C PRO A 200 -30.74 27.87 2.06
N ALA A 201 -31.92 28.04 2.68
CA ALA A 201 -32.44 29.27 3.33
C ALA A 201 -31.91 29.36 4.77
N LYS A 202 -30.66 29.77 4.95
CA LYS A 202 -30.00 29.78 6.29
C LYS A 202 -28.79 30.72 6.29
N PRO A 203 -28.34 31.15 7.49
CA PRO A 203 -27.46 32.32 7.62
C PRO A 203 -25.98 32.12 7.26
N THR A 204 -25.45 30.92 7.52
CA THR A 204 -24.08 30.49 7.14
C THR A 204 -24.17 29.16 6.39
N LEU A 205 -23.27 28.97 5.42
CA LEU A 205 -23.21 27.80 4.50
C LEU A 205 -21.93 27.00 4.77
N TYR A 206 -22.08 25.69 4.96
CA TYR A 206 -21.05 24.76 5.49
C TYR A 206 -20.65 23.70 4.46
N TYR A 207 -19.48 23.10 4.69
CA TYR A 207 -18.93 21.91 3.97
C TYR A 207 -20.09 20.99 3.57
N LYS A 208 -20.09 20.61 2.28
CA LYS A 208 -21.01 19.63 1.65
C LYS A 208 -22.41 20.25 1.47
N ASP A 209 -22.54 21.57 1.58
CA ASP A 209 -23.80 22.25 1.18
C ASP A 209 -23.75 22.46 -0.33
N LYS A 210 -24.91 22.37 -0.97
CA LYS A 210 -25.09 22.41 -2.44
C LYS A 210 -25.83 23.69 -2.85
N ALA A 211 -25.39 24.32 -3.93
CA ALA A 211 -26.16 25.33 -4.69
C ALA A 211 -26.42 24.82 -6.13
N THR A 212 -27.59 25.11 -6.69
CA THR A 212 -27.94 24.85 -8.12
C THR A 212 -28.15 26.17 -8.89
N PHE A 213 -27.65 26.21 -10.12
CA PHE A 213 -27.77 27.36 -11.05
C PHE A 213 -28.76 27.04 -12.18
N GLY A 214 -29.31 28.09 -12.78
CA GLY A 214 -30.09 28.03 -14.02
C GLY A 214 -29.85 29.24 -14.91
N CYS A 215 -30.32 29.17 -16.15
CA CYS A 215 -30.24 30.30 -17.08
C CYS A 215 -31.62 30.60 -17.68
N HIS A 216 -31.82 31.87 -18.02
CA HIS A 216 -32.98 32.37 -18.81
C HIS A 216 -32.85 31.83 -20.23
N ASP A 217 -33.98 31.80 -20.96
CA ASP A 217 -34.02 31.27 -22.35
C ASP A 217 -33.04 32.07 -23.21
N GLY A 218 -32.31 31.41 -24.10
CA GLY A 218 -31.30 32.04 -24.97
C GLY A 218 -29.94 32.11 -24.32
N TYR A 219 -29.86 31.65 -23.07
CA TYR A 219 -28.63 31.53 -22.26
C TYR A 219 -28.56 30.09 -21.73
N SER A 220 -27.35 29.56 -21.53
CA SER A 220 -27.05 28.22 -20.91
C SER A 220 -25.79 28.33 -20.03
N LEU A 221 -25.63 27.42 -19.06
CA LEU A 221 -24.49 27.43 -18.09
C LEU A 221 -23.18 27.05 -18.79
N ASP A 222 -22.07 27.71 -18.46
CA ASP A 222 -20.72 27.37 -19.00
C ASP A 222 -20.01 26.40 -18.05
N GLY A 223 -20.69 25.94 -16.99
CA GLY A 223 -20.21 24.86 -16.10
C GLY A 223 -21.36 24.08 -15.48
N PRO A 224 -21.12 23.38 -14.36
CA PRO A 224 -22.11 22.45 -13.81
C PRO A 224 -23.34 23.10 -13.20
N GLU A 225 -24.48 22.44 -13.36
CA GLU A 225 -25.76 22.86 -12.75
C GLU A 225 -25.59 22.94 -11.22
N GLU A 226 -24.81 22.04 -10.61
CA GLU A 226 -24.76 21.89 -9.13
C GLU A 226 -23.32 22.06 -8.64
N ILE A 227 -23.18 22.77 -7.52
CA ILE A 227 -21.88 23.01 -6.85
C ILE A 227 -22.05 22.71 -5.36
N GLU A 228 -20.93 22.38 -4.71
CA GLU A 228 -20.88 22.15 -3.24
C GLU A 228 -19.69 22.89 -2.63
N CYS A 229 -19.90 23.19 -1.35
CA CYS A 229 -18.93 23.70 -0.37
C CYS A 229 -17.84 22.64 -0.14
N THR A 230 -16.64 22.87 -0.66
CA THR A 230 -15.48 21.95 -0.47
C THR A 230 -14.93 22.09 0.95
N LYS A 231 -13.96 21.25 1.29
CA LYS A 231 -13.25 21.25 2.59
C LYS A 231 -12.33 22.50 2.71
N LEU A 232 -11.91 23.10 1.58
CA LEU A 232 -11.04 24.29 1.59
C LEU A 232 -11.83 25.60 1.68
N GLY A 233 -13.09 25.57 2.16
CA GLY A 233 -13.91 26.77 2.44
C GLY A 233 -14.55 27.39 1.19
N ASN A 234 -14.06 27.01 -0.04
CA ASN A 234 -14.62 27.51 -1.32
C ASN A 234 -15.68 26.53 -1.87
N TRP A 235 -16.03 26.80 -3.22
CA TRP A 235 -17.04 26.03 -4.00
C TRP A 235 -16.37 25.27 -5.14
N SER A 236 -16.90 24.07 -5.42
CA SER A 236 -16.55 23.17 -6.55
C SER A 236 -16.29 23.99 -7.82
N ALA A 237 -17.31 24.75 -8.26
CA ALA A 237 -17.19 25.78 -9.30
C ALA A 237 -18.17 26.92 -9.05
N MET A 238 -18.07 27.95 -9.90
CA MET A 238 -19.02 29.10 -9.98
C MET A 238 -19.35 29.31 -11.46
N PRO A 239 -20.44 28.68 -11.97
CA PRO A 239 -20.74 28.72 -13.40
C PRO A 239 -21.41 30.05 -13.80
N SER A 240 -21.20 30.48 -15.04
CA SER A 240 -21.84 31.67 -15.64
C SER A 240 -22.91 31.23 -16.65
N CYS A 241 -23.90 32.09 -16.91
CA CYS A 241 -24.89 31.96 -17.99
C CYS A 241 -24.37 32.67 -19.24
N LYS A 242 -24.35 32.02 -20.39
CA LYS A 242 -23.82 32.60 -21.65
C LYS A 242 -24.83 32.50 -22.78
N ALA A 243 -24.76 33.45 -23.68
CA ALA A 243 -25.73 33.61 -24.79
C ALA A 243 -25.58 32.42 -25.73
N SER A 244 -26.71 31.81 -26.13
CA SER A 244 -26.77 30.90 -27.30
C SER A 244 -26.55 31.71 -28.57
N CYS A 245 -26.15 31.06 -29.66
CA CYS A 245 -25.97 31.65 -31.01
C CYS A 245 -27.17 31.27 -31.89
N LYS A 246 -27.60 32.16 -32.78
CA LYS A 246 -28.58 31.81 -33.83
C LYS A 246 -27.84 30.95 -34.86
N VAL A 247 -28.52 30.00 -35.51
CA VAL A 247 -27.86 29.16 -36.54
C VAL A 247 -27.18 30.12 -37.51
N PRO A 248 -25.86 30.09 -37.65
CA PRO A 248 -25.16 31.06 -38.50
C PRO A 248 -25.44 30.94 -39.99
N VAL A 249 -25.99 29.82 -40.48
CA VAL A 249 -26.33 29.66 -41.92
C VAL A 249 -27.72 29.05 -42.06
N LYS A 250 -28.24 29.05 -43.29
CA LYS A 250 -29.61 28.59 -43.60
C LYS A 250 -29.58 27.08 -43.81
N LYS A 251 -28.63 26.55 -44.57
CA LYS A 251 -28.51 25.10 -44.87
C LYS A 251 -27.05 24.71 -45.03
N ALA A 252 -26.61 23.68 -44.31
CA ALA A 252 -25.21 23.21 -44.29
C ALA A 252 -25.13 21.84 -43.64
N THR A 253 -24.42 20.91 -44.27
CA THR A 253 -24.04 19.63 -43.64
C THR A 253 -22.72 19.87 -42.93
N VAL A 254 -22.69 19.63 -41.63
CA VAL A 254 -21.51 19.93 -40.77
C VAL A 254 -21.23 18.69 -39.92
N VAL A 255 -20.00 18.58 -39.43
CA VAL A 255 -19.64 17.57 -38.40
C VAL A 255 -19.94 18.16 -37.03
N TYR A 256 -20.63 17.38 -36.21
CA TYR A 256 -20.91 17.68 -34.79
C TYR A 256 -20.71 16.40 -33.98
N GLN A 257 -19.58 16.33 -33.27
CA GLN A 257 -19.21 15.20 -32.39
C GLN A 257 -18.91 13.99 -33.28
N GLY A 258 -18.06 14.18 -34.29
CA GLY A 258 -17.55 13.10 -35.18
C GLY A 258 -18.56 12.64 -36.22
N GLU A 259 -19.81 13.11 -36.16
CA GLU A 259 -20.90 12.63 -37.04
C GLU A 259 -21.46 13.79 -37.85
N ARG A 260 -21.70 13.56 -39.13
CA ARG A 260 -22.36 14.52 -40.06
C ARG A 260 -23.80 14.73 -39.61
N VAL A 261 -24.24 15.99 -39.61
CA VAL A 261 -25.63 16.42 -39.28
C VAL A 261 -26.00 17.56 -40.23
N LYS A 262 -27.30 17.83 -40.37
CA LYS A 262 -27.81 19.08 -40.99
C LYS A 262 -27.87 20.12 -39.85
N ILE A 263 -27.07 21.19 -39.96
CA ILE A 263 -26.96 22.21 -38.88
C ILE A 263 -28.35 22.80 -38.64
N GLN A 264 -29.13 22.99 -39.73
CA GLN A 264 -30.56 23.40 -39.70
C GLN A 264 -31.37 22.51 -38.77
N GLU A 265 -31.15 21.19 -38.88
CA GLU A 265 -31.93 20.16 -38.13
C GLU A 265 -31.41 20.09 -36.70
N LYS A 266 -30.10 19.89 -36.54
CA LYS A 266 -29.48 19.57 -35.23
C LYS A 266 -29.67 20.75 -34.28
N PHE A 267 -29.60 21.98 -34.80
CA PHE A 267 -29.61 23.24 -34.01
C PHE A 267 -30.78 24.13 -34.44
N LYS A 268 -31.98 23.57 -34.58
CA LYS A 268 -33.18 24.30 -35.05
C LYS A 268 -33.51 25.43 -34.06
N ASN A 269 -33.22 25.23 -32.76
CA ASN A 269 -33.50 26.20 -31.68
C ASN A 269 -32.20 26.89 -31.25
N GLY A 270 -31.28 27.06 -32.19
CA GLY A 270 -29.98 27.70 -31.96
C GLY A 270 -28.94 26.76 -31.35
N MET A 271 -27.74 27.28 -31.16
CA MET A 271 -26.55 26.58 -30.64
C MET A 271 -26.27 27.09 -29.23
N LEU A 272 -25.85 26.21 -28.32
CA LEU A 272 -25.50 26.63 -26.94
C LEU A 272 -24.08 27.15 -26.92
N HIS A 273 -23.76 27.97 -25.91
CA HIS A 273 -22.35 28.34 -25.59
C HIS A 273 -21.52 27.05 -25.56
N GLY A 274 -20.51 26.97 -26.43
CA GLY A 274 -19.54 25.86 -26.41
C GLY A 274 -19.77 24.87 -27.53
N ASP A 275 -20.99 24.76 -28.05
CA ASP A 275 -21.31 23.87 -29.18
C ASP A 275 -20.27 24.15 -30.28
N LYS A 276 -19.46 23.14 -30.61
CA LYS A 276 -18.46 23.21 -31.70
C LYS A 276 -19.04 22.42 -32.87
N VAL A 277 -18.58 22.73 -34.06
CA VAL A 277 -19.16 22.24 -35.34
C VAL A 277 -18.06 22.41 -36.38
N SER A 278 -18.05 21.61 -37.44
CA SER A 278 -17.01 21.74 -38.51
C SER A 278 -17.68 21.87 -39.87
N PHE A 279 -17.44 22.99 -40.56
CA PHE A 279 -18.01 23.24 -41.92
C PHE A 279 -17.08 22.57 -42.94
N PHE A 280 -17.64 22.18 -44.08
CA PHE A 280 -16.89 21.56 -45.20
C PHE A 280 -16.50 22.68 -46.15
N CYS A 281 -15.24 22.66 -46.60
CA CYS A 281 -14.66 23.61 -47.59
C CYS A 281 -14.00 22.79 -48.71
N LYS A 282 -13.99 23.33 -49.94
CA LYS A 282 -13.37 22.68 -51.14
C LYS A 282 -11.95 23.18 -51.36
N ASN A 283 -11.02 22.26 -51.63
CA ASN A 283 -9.68 22.55 -52.20
C ASN A 283 -9.76 22.50 -53.73
N LYS A 284 -9.92 23.65 -54.39
CA LYS A 284 -10.22 23.73 -55.84
C LYS A 284 -9.12 23.06 -56.68
N GLU A 285 -7.85 23.16 -56.24
CA GLU A 285 -6.70 22.52 -56.93
C GLU A 285 -6.91 21.00 -56.94
N LYS A 286 -7.00 20.36 -55.76
CA LYS A 286 -7.03 18.88 -55.59
C LYS A 286 -8.48 18.35 -55.65
N LYS A 287 -9.45 19.20 -56.03
CA LYS A 287 -10.91 18.90 -56.16
C LYS A 287 -11.34 17.89 -55.10
N CYS A 288 -11.13 18.24 -53.83
CA CYS A 288 -11.43 17.42 -52.63
C CYS A 288 -11.93 18.34 -51.50
N SER A 289 -12.27 17.81 -50.32
CA SER A 289 -12.96 18.58 -49.26
C SER A 289 -12.25 18.43 -47.90
N TYR A 290 -12.08 19.55 -47.20
CA TYR A 290 -11.54 19.62 -45.82
C TYR A 290 -12.59 20.30 -44.93
N THR A 291 -12.47 20.11 -43.62
CA THR A 291 -13.28 20.83 -42.60
C THR A 291 -12.44 21.95 -42.00
N GLU A 292 -13.12 22.97 -41.46
CA GLU A 292 -12.59 23.92 -40.44
C GLU A 292 -13.62 23.99 -39.31
N ASP A 293 -13.16 24.27 -38.10
CA ASP A 293 -14.01 24.32 -36.87
C ASP A 293 -14.63 25.71 -36.68
N ALA A 294 -15.59 25.79 -35.77
CA ALA A 294 -16.40 26.99 -35.45
C ALA A 294 -17.14 26.72 -34.15
N GLN A 295 -17.10 27.66 -33.22
CA GLN A 295 -17.68 27.45 -31.87
C GLN A 295 -18.57 28.64 -31.54
N CYS A 296 -19.73 28.33 -30.98
CA CYS A 296 -20.62 29.30 -30.32
C CYS A 296 -19.91 29.77 -29.05
N ILE A 297 -19.45 31.02 -29.05
CA ILE A 297 -18.93 31.68 -27.83
C ILE A 297 -19.82 32.87 -27.49
N ASP A 298 -20.57 32.74 -26.40
CA ASP A 298 -21.39 33.84 -25.83
C ASP A 298 -22.10 34.58 -26.97
N GLY A 299 -22.99 33.91 -27.67
CA GLY A 299 -23.84 34.49 -28.73
C GLY A 299 -23.12 34.82 -30.03
N THR A 300 -21.85 34.46 -30.21
CA THR A 300 -21.15 34.65 -31.51
C THR A 300 -20.54 33.34 -32.01
N ILE A 301 -20.69 33.06 -33.31
CA ILE A 301 -19.98 31.94 -34.01
C ILE A 301 -19.51 32.43 -35.38
N GLU A 302 -18.22 32.25 -35.68
CA GLU A 302 -17.60 32.70 -36.95
C GLU A 302 -17.57 31.52 -37.92
N VAL A 303 -18.45 31.49 -38.92
CA VAL A 303 -18.41 30.44 -39.98
C VAL A 303 -17.13 30.71 -40.78
N PRO A 304 -16.27 29.70 -40.97
CA PRO A 304 -15.02 29.90 -41.70
C PRO A 304 -15.16 30.66 -43.05
N LYS A 305 -14.14 31.44 -43.39
CA LYS A 305 -14.05 32.21 -44.65
C LYS A 305 -14.24 31.20 -45.80
N CYS A 306 -13.49 30.10 -45.77
CA CYS A 306 -13.42 29.09 -46.87
C CYS A 306 -14.81 28.53 -47.20
N PHE A 307 -15.74 28.52 -46.24
CA PHE A 307 -17.12 27.96 -46.41
C PHE A 307 -17.90 28.83 -47.40
N LYS A 308 -18.66 28.18 -48.30
CA LYS A 308 -19.54 28.83 -49.30
C LYS A 308 -20.89 28.11 -49.29
N GLU A 309 -21.92 28.72 -48.66
CA GLU A 309 -23.33 28.26 -48.69
C GLU A 309 -23.82 28.30 -50.13
N HIS A 310 -24.69 27.36 -50.55
CA HIS A 310 -25.16 27.26 -51.96
C HIS A 310 -26.67 27.53 -52.02
N SER A 311 -27.07 28.59 -52.74
CA SER A 311 -28.43 29.23 -52.69
C SER A 311 -29.54 28.27 -53.18
N TRP A 316 -27.48 23.86 -58.29
CA TRP A 316 -27.02 23.01 -59.42
C TRP A 316 -25.59 22.47 -59.18
N LYS A 317 -24.71 23.22 -58.48
CA LYS A 317 -23.29 22.84 -58.21
C LYS A 317 -23.25 21.92 -56.97
N THR A 318 -22.07 21.40 -56.62
CA THR A 318 -21.89 20.43 -55.51
C THR A 318 -21.45 21.14 -54.23
N ASP A 319 -22.02 20.74 -53.10
CA ASP A 319 -21.63 21.25 -51.76
C ASP A 319 -20.31 20.60 -51.35
N ALA A 320 -19.38 21.39 -50.81
CA ALA A 320 -18.14 20.88 -50.19
C ALA A 320 -18.42 19.56 -49.47
N SER A 321 -19.53 19.48 -48.72
CA SER A 321 -19.86 18.31 -47.87
C SER A 321 -19.99 17.03 -48.72
N ASP A 322 -20.28 17.17 -50.03
CA ASP A 322 -20.60 16.05 -50.96
C ASP A 322 -19.39 15.68 -51.83
N VAL A 323 -18.21 16.19 -51.50
CA VAL A 323 -16.99 15.99 -52.33
C VAL A 323 -16.09 15.03 -51.55
N LYS A 324 -15.32 14.21 -52.26
CA LYS A 324 -14.35 13.24 -51.66
C LYS A 324 -13.48 13.97 -50.66
N PRO A 325 -13.01 13.30 -49.59
CA PRO A 325 -12.07 13.93 -48.67
C PRO A 325 -10.71 14.11 -49.37
N CYS A 326 -9.86 14.96 -48.78
CA CYS A 326 -8.42 15.09 -49.12
C CYS A 326 -7.63 14.18 -48.19
#